data_2DE2
#
_entry.id   2DE2
#
_cell.length_a   36.660
_cell.length_b   82.590
_cell.length_c   139.640
_cell.angle_alpha   90.00
_cell.angle_beta   90.00
_cell.angle_gamma   90.00
#
_symmetry.space_group_name_H-M   'P 21 21 21'
#
loop_
_entity.id
_entity.type
_entity.pdbx_description
1 polymer 'DIBENZOTHIOPHENE DESULFURIZATION ENZYME B'
2 non-polymer 'ACETATE ION'
3 non-polymer GLYCEROL
4 water water
#
_entity_poly.entity_id   1
_entity_poly.type   'polypeptide(L)'
_entity_poly.pdbx_seq_one_letter_code
;MTSRVDPANPGSELDSAIRDTLTYSNCPVPNALLTASESGFLDAAGIELDVLSGQQGTVHFTYDQPAYTRFGGEIPPLLS
EGLRAPGRTRLLGITPLLGRQGFFVRDDSPITAAADLAGRRIGVSASAIRILRGQLGDYLELDPWRQTLVALGSWEARAL
LHTLEHGELGVDDVELVPISSPGVDVPAEQLEESATVKGADLFPDVARGQAAVLASGDVDALYSWLPWAGELQATGARPV
VDLGLDERNAYASVWTVSSGLVRQRPGLVQRLVDAAVDAGLWARDHSDAVTSLHAANLGVSTGAVGQGFGADFQQRLVPR
LDHDALALLERTQQFLLTNNLLQEPVALDQWAAPEFLNNSLNRHR
;
_entity_poly.pdbx_strand_id   A
#
# COMPACT_ATOMS: atom_id res chain seq x y z
N ARG A 19 -9.44 27.68 5.84
CA ARG A 19 -9.08 26.33 5.30
C ARG A 19 -9.97 25.22 5.82
N ASP A 20 -10.46 24.38 4.91
CA ASP A 20 -11.26 23.24 5.30
C ASP A 20 -10.23 22.20 5.70
N THR A 21 -10.38 21.62 6.88
CA THR A 21 -9.42 20.64 7.37
C THR A 21 -9.95 19.21 7.34
N LEU A 22 -9.15 18.31 6.77
CA LEU A 22 -9.51 16.90 6.68
C LEU A 22 -8.47 16.07 7.44
N THR A 23 -8.92 15.06 8.18
CA THR A 23 -7.97 14.21 8.88
C THR A 23 -7.37 13.35 7.78
N TYR A 24 -6.15 12.87 8.00
CA TYR A 24 -5.44 12.18 6.93
C TYR A 24 -4.38 11.17 7.38
N SER A 25 -4.10 10.21 6.52
CA SER A 25 -3.05 9.21 6.76
C SER A 25 -2.12 9.25 5.55
N ASN A 26 -0.83 9.46 5.82
CA ASN A 26 0.19 9.53 4.77
C ASN A 26 0.69 8.11 4.50
N CYS A 27 0.28 7.54 3.36
CA CYS A 27 0.66 6.17 3.01
C CYS A 27 1.86 6.13 2.05
N PRO A 28 2.69 5.08 2.16
CA PRO A 28 3.87 4.93 1.31
C PRO A 28 3.61 4.40 -0.09
N VAL A 29 2.70 5.04 -0.81
CA VAL A 29 2.37 4.65 -2.19
C VAL A 29 2.39 5.94 -3.02
N PRO A 30 2.68 5.83 -4.32
CA PRO A 30 2.68 7.05 -5.13
C PRO A 30 1.25 7.51 -5.33
N ASN A 31 0.97 8.78 -5.07
CA ASN A 31 -0.40 9.27 -5.22
C ASN A 31 -0.52 10.78 -5.37
N ALA A 32 -1.61 11.20 -6.00
CA ALA A 32 -1.87 12.61 -6.27
C ALA A 32 -2.28 13.46 -5.07
N LEU A 33 -2.79 12.82 -4.01
CA LEU A 33 -3.19 13.59 -2.83
C LEU A 33 -1.96 14.14 -2.13
N LEU A 34 -0.96 13.29 -1.92
CA LEU A 34 0.28 13.73 -1.29
C LEU A 34 0.91 14.80 -2.19
N THR A 35 0.92 14.52 -3.49
CA THR A 35 1.49 15.45 -4.45
C THR A 35 0.80 16.81 -4.38
N ALA A 36 -0.52 16.80 -4.33
CA ALA A 36 -1.28 18.05 -4.25
C ALA A 36 -0.96 18.81 -2.96
N SER A 37 -0.89 18.09 -1.85
CA SER A 37 -0.60 18.70 -0.56
C SER A 37 0.80 19.33 -0.52
N GLU A 38 1.78 18.56 -0.98
CA GLU A 38 3.19 18.99 -0.96
C GLU A 38 3.57 20.05 -1.98
N SER A 39 2.84 20.12 -3.09
CA SER A 39 3.16 21.09 -4.14
C SER A 39 2.37 22.41 -4.11
N GLY A 40 1.34 22.47 -3.29
CA GLY A 40 0.56 23.69 -3.19
C GLY A 40 -0.84 23.66 -3.76
N PHE A 41 -1.19 22.61 -4.49
CA PHE A 41 -2.52 22.52 -5.09
C PHE A 41 -3.65 22.45 -4.06
N LEU A 42 -3.43 21.73 -2.97
CA LEU A 42 -4.46 21.61 -1.93
C LEU A 42 -4.74 22.96 -1.27
N ASP A 43 -3.69 23.66 -0.90
CA ASP A 43 -3.85 24.96 -0.25
C ASP A 43 -4.57 25.93 -1.17
N ALA A 44 -4.26 25.86 -2.46
CA ALA A 44 -4.89 26.74 -3.43
C ALA A 44 -6.38 26.42 -3.52
N ALA A 45 -6.75 25.20 -3.15
CA ALA A 45 -8.14 24.77 -3.19
C ALA A 45 -8.82 25.02 -1.84
N GLY A 46 -8.10 25.68 -0.94
CA GLY A 46 -8.63 25.98 0.38
C GLY A 46 -8.75 24.79 1.30
N ILE A 47 -7.86 23.81 1.13
CA ILE A 47 -7.88 22.60 1.94
C ILE A 47 -6.54 22.29 2.58
N GLU A 48 -6.57 21.74 3.79
CA GLU A 48 -5.36 21.35 4.48
C GLU A 48 -5.58 20.00 5.13
N LEU A 49 -4.50 19.22 5.23
CA LEU A 49 -4.59 17.89 5.82
C LEU A 49 -4.03 17.84 7.24
N ASP A 50 -4.77 17.19 8.12
CA ASP A 50 -4.38 17.02 9.50
C ASP A 50 -4.03 15.55 9.68
N VAL A 51 -2.74 15.24 9.70
CA VAL A 51 -2.27 13.87 9.83
C VAL A 51 -2.74 13.25 11.15
N LEU A 52 -3.31 12.06 11.05
CA LEU A 52 -3.80 11.36 12.23
C LEU A 52 -2.70 10.67 13.02
N SER A 53 -2.90 10.60 14.32
CA SER A 53 -1.98 9.94 15.21
C SER A 53 -2.80 8.80 15.79
N GLY A 54 -2.71 7.62 15.15
CA GLY A 54 -3.49 6.49 15.60
C GLY A 54 -2.71 5.30 16.14
N GLN A 55 -1.65 5.57 16.90
CA GLN A 55 -0.85 4.50 17.48
C GLN A 55 -1.68 3.71 18.48
N GLN A 56 -1.19 2.56 18.90
CA GLN A 56 -1.89 1.72 19.86
C GLN A 56 -2.32 2.55 21.06
N GLY A 57 -3.61 2.49 21.38
CA GLY A 57 -4.13 3.26 22.49
C GLY A 57 -5.22 4.20 21.98
N THR A 58 -5.26 4.37 20.67
CA THR A 58 -6.26 5.23 20.05
C THR A 58 -7.63 4.59 20.19
N VAL A 59 -7.67 3.27 19.99
CA VAL A 59 -8.91 2.50 20.08
C VAL A 59 -10.07 3.17 19.34
N HIS A 60 -9.91 3.29 18.03
CA HIS A 60 -10.93 3.89 17.18
C HIS A 60 -10.55 3.59 15.74
N PHE A 61 -11.54 3.17 14.95
CA PHE A 61 -11.28 2.85 13.56
C PHE A 61 -11.23 4.14 12.75
N THR A 62 -10.08 4.39 12.14
CA THR A 62 -9.84 5.60 11.36
C THR A 62 -10.91 5.93 10.32
N TYR A 63 -11.36 4.93 9.56
CA TYR A 63 -12.36 5.14 8.52
C TYR A 63 -13.69 5.65 9.05
N ASP A 64 -13.90 5.56 10.36
CA ASP A 64 -15.15 6.03 10.94
C ASP A 64 -15.15 7.51 11.28
N GLN A 65 -14.03 8.19 11.05
CA GLN A 65 -13.97 9.61 11.30
C GLN A 65 -14.89 10.29 10.29
N PRO A 66 -15.48 11.44 10.66
CA PRO A 66 -16.40 12.20 9.80
C PRO A 66 -15.82 12.95 8.60
N ALA A 67 -14.53 13.28 8.64
CA ALA A 67 -13.90 14.00 7.54
C ALA A 67 -12.49 13.49 7.32
N TYR A 68 -12.38 12.18 7.11
CA TYR A 68 -11.10 11.52 6.91
C TYR A 68 -10.88 11.09 5.47
N THR A 69 -9.65 11.28 4.98
CA THR A 69 -9.31 10.86 3.63
C THR A 69 -7.96 10.16 3.66
N ARG A 70 -7.83 9.13 2.82
CA ARG A 70 -6.61 8.33 2.77
C ARG A 70 -6.42 7.84 1.34
N PHE A 71 -5.18 7.80 0.90
CA PHE A 71 -4.86 7.30 -0.43
C PHE A 71 -3.75 6.29 -0.19
N GLY A 72 -4.11 5.01 -0.15
CA GLY A 72 -3.12 3.97 0.12
C GLY A 72 -3.58 2.57 -0.20
N GLY A 73 -2.90 1.59 0.39
CA GLY A 73 -3.22 0.18 0.17
C GLY A 73 -4.70 -0.12 0.29
N GLU A 74 -5.19 -0.99 -0.60
CA GLU A 74 -6.61 -1.33 -0.63
C GLU A 74 -7.13 -2.39 0.34
N ILE A 75 -6.24 -3.15 0.96
CA ILE A 75 -6.70 -4.21 1.86
C ILE A 75 -7.47 -3.71 3.08
N PRO A 76 -6.94 -2.70 3.81
CA PRO A 76 -7.71 -2.23 4.97
C PRO A 76 -9.09 -1.68 4.58
N PRO A 77 -9.16 -0.84 3.53
CA PRO A 77 -10.47 -0.31 3.14
C PRO A 77 -11.41 -1.41 2.65
N LEU A 78 -10.87 -2.42 1.98
CA LEU A 78 -11.70 -3.51 1.48
C LEU A 78 -12.32 -4.28 2.66
N LEU A 79 -11.53 -4.50 3.70
CA LEU A 79 -12.05 -5.20 4.87
C LEU A 79 -13.07 -4.34 5.62
N SER A 80 -12.85 -3.04 5.65
CA SER A 80 -13.76 -2.13 6.34
C SER A 80 -15.10 -2.12 5.60
N GLU A 81 -15.04 -2.03 4.28
CA GLU A 81 -16.25 -2.00 3.46
C GLU A 81 -16.90 -3.36 3.27
N GLY A 82 -16.08 -4.41 3.24
CA GLY A 82 -16.62 -5.74 3.00
C GLY A 82 -16.98 -6.59 4.20
N LEU A 83 -16.39 -6.28 5.35
CA LEU A 83 -16.67 -7.06 6.56
C LEU A 83 -17.14 -6.27 7.77
N ARG A 84 -16.34 -5.28 8.16
CA ARG A 84 -16.60 -4.49 9.35
C ARG A 84 -17.77 -3.52 9.34
N ALA A 85 -17.73 -2.54 8.44
CA ALA A 85 -18.78 -1.53 8.39
C ALA A 85 -18.99 -0.97 7.00
N PRO A 86 -19.79 -1.67 6.18
CA PRO A 86 -20.06 -1.22 4.81
C PRO A 86 -20.69 0.16 4.75
N GLY A 87 -20.25 0.98 3.80
CA GLY A 87 -20.83 2.30 3.63
C GLY A 87 -20.16 3.47 4.33
N ARG A 88 -19.18 3.20 5.18
CA ARG A 88 -18.49 4.26 5.92
C ARG A 88 -17.63 5.16 5.03
N THR A 89 -17.18 4.65 3.89
CA THR A 89 -16.34 5.44 2.99
C THR A 89 -16.80 5.37 1.54
N ARG A 90 -16.32 6.31 0.74
CA ARG A 90 -16.61 6.34 -0.70
C ARG A 90 -15.25 6.31 -1.40
N LEU A 91 -15.19 5.65 -2.55
CA LEU A 91 -13.96 5.54 -3.33
C LEU A 91 -13.93 6.66 -4.37
N LEU A 92 -12.92 7.52 -4.26
CA LEU A 92 -12.77 8.66 -5.18
C LEU A 92 -11.93 8.36 -6.40
N GLY A 93 -11.00 7.43 -6.26
CA GLY A 93 -10.13 7.11 -7.37
C GLY A 93 -9.12 6.04 -7.03
N ILE A 94 -8.46 5.52 -8.07
CA ILE A 94 -7.48 4.46 -7.94
C ILE A 94 -6.18 4.83 -8.67
N THR A 95 -5.06 4.37 -8.12
CA THR A 95 -3.76 4.55 -8.73
C THR A 95 -3.00 3.25 -8.50
N PRO A 96 -2.57 2.58 -9.60
CA PRO A 96 -1.84 1.33 -9.44
C PRO A 96 -0.52 1.50 -8.69
N LEU A 97 0.00 0.38 -8.20
CA LEU A 97 1.27 0.37 -7.49
C LEU A 97 2.05 -0.85 -7.93
N LEU A 98 3.26 -0.64 -8.43
CA LEU A 98 4.12 -1.73 -8.84
C LEU A 98 5.54 -1.20 -9.00
N GLY A 99 6.48 -1.90 -8.37
CA GLY A 99 7.88 -1.52 -8.44
C GLY A 99 8.73 -2.66 -7.94
N ARG A 100 9.97 -2.37 -7.54
CA ARG A 100 10.87 -3.40 -7.03
C ARG A 100 10.12 -4.19 -5.97
N GLN A 101 10.05 -5.51 -6.14
CA GLN A 101 9.30 -6.35 -5.21
C GLN A 101 9.75 -7.80 -5.27
N GLY A 102 9.81 -8.46 -4.12
CA GLY A 102 10.19 -9.85 -4.11
C GLY A 102 10.79 -10.33 -2.80
N PHE A 103 11.24 -11.58 -2.80
CA PHE A 103 11.88 -12.14 -1.63
C PHE A 103 13.37 -11.95 -1.82
N PHE A 104 13.95 -11.07 -1.01
CA PHE A 104 15.36 -10.74 -1.09
C PHE A 104 16.26 -11.67 -0.28
N VAL A 105 17.45 -11.91 -0.82
CA VAL A 105 18.45 -12.74 -0.17
C VAL A 105 19.76 -11.96 -0.19
N ARG A 106 20.73 -12.40 0.60
CA ARG A 106 22.03 -11.74 0.62
C ARG A 106 22.63 -11.86 -0.78
N ASP A 107 23.40 -10.86 -1.20
CA ASP A 107 24.00 -10.91 -2.52
C ASP A 107 24.79 -12.20 -2.72
N ASP A 108 25.52 -12.62 -1.68
CA ASP A 108 26.33 -13.82 -1.79
C ASP A 108 25.61 -15.08 -1.32
N SER A 109 24.29 -15.02 -1.25
CA SER A 109 23.51 -16.18 -0.85
C SER A 109 23.65 -17.26 -1.93
N PRO A 110 23.62 -18.54 -1.55
CA PRO A 110 23.75 -19.60 -2.54
C PRO A 110 22.48 -19.71 -3.39
N ILE A 111 21.43 -19.01 -2.97
CA ILE A 111 20.17 -19.02 -3.70
C ILE A 111 20.25 -18.09 -4.90
N THR A 112 20.15 -18.65 -6.11
CA THR A 112 20.22 -17.83 -7.31
C THR A 112 19.01 -18.02 -8.24
N ALA A 113 18.18 -19.01 -7.94
CA ALA A 113 16.98 -19.29 -8.73
C ALA A 113 15.88 -19.71 -7.77
N ALA A 114 14.63 -19.54 -8.19
CA ALA A 114 13.50 -19.89 -7.35
C ALA A 114 13.57 -21.31 -6.83
N ALA A 115 14.04 -22.24 -7.66
CA ALA A 115 14.15 -23.63 -7.26
C ALA A 115 15.07 -23.80 -6.05
N ASP A 116 16.05 -22.92 -5.91
CA ASP A 116 16.98 -22.99 -4.79
C ASP A 116 16.35 -22.66 -3.44
N LEU A 117 15.10 -22.21 -3.46
CA LEU A 117 14.42 -21.88 -2.21
C LEU A 117 13.99 -23.13 -1.44
N ALA A 118 14.04 -24.28 -2.11
CA ALA A 118 13.64 -25.53 -1.46
C ALA A 118 14.46 -25.77 -0.19
N GLY A 119 13.76 -26.00 0.92
CA GLY A 119 14.41 -26.25 2.19
C GLY A 119 15.02 -25.03 2.86
N ARG A 120 14.84 -23.85 2.27
CA ARG A 120 15.41 -22.62 2.82
C ARG A 120 14.47 -21.92 3.81
N ARG A 121 15.05 -21.09 4.67
CA ARG A 121 14.25 -20.37 5.66
C ARG A 121 13.72 -19.06 5.11
N ILE A 122 12.41 -19.02 4.90
CA ILE A 122 11.74 -17.84 4.36
C ILE A 122 11.10 -17.07 5.51
N GLY A 123 11.66 -15.91 5.81
CA GLY A 123 11.10 -15.11 6.89
C GLY A 123 9.84 -14.40 6.43
N VAL A 124 8.73 -14.66 7.13
CA VAL A 124 7.45 -14.04 6.81
C VAL A 124 6.68 -13.75 8.08
N SER A 125 5.74 -12.82 8.00
CA SER A 125 4.91 -12.47 9.16
C SER A 125 4.04 -13.66 9.55
N ALA A 126 3.60 -13.68 10.80
CA ALA A 126 2.74 -14.74 11.27
C ALA A 126 1.44 -14.67 10.45
N SER A 127 1.07 -13.45 10.06
CA SER A 127 -0.15 -13.25 9.27
C SER A 127 -0.02 -13.99 7.93
N ALA A 128 1.12 -13.82 7.28
CA ALA A 128 1.37 -14.48 5.99
C ALA A 128 1.34 -16.00 6.17
N ILE A 129 1.89 -16.48 7.27
CA ILE A 129 1.92 -17.93 7.51
C ILE A 129 0.50 -18.48 7.62
N ARG A 130 -0.39 -17.76 8.30
CA ARG A 130 -1.77 -18.21 8.44
C ARG A 130 -2.43 -18.35 7.07
N ILE A 131 -2.19 -17.36 6.20
CA ILE A 131 -2.77 -17.39 4.86
C ILE A 131 -2.15 -18.52 4.03
N LEU A 132 -0.82 -18.62 4.08
CA LEU A 132 -0.10 -19.65 3.32
C LEU A 132 -0.47 -21.07 3.74
N ARG A 133 -0.77 -21.27 5.01
CA ARG A 133 -1.14 -22.59 5.50
C ARG A 133 -2.64 -22.81 5.47
N GLY A 134 -3.39 -21.77 5.10
CA GLY A 134 -4.83 -21.88 5.05
C GLY A 134 -5.44 -22.09 6.42
N GLN A 135 -4.76 -21.58 7.44
CA GLN A 135 -5.24 -21.71 8.82
C GLN A 135 -5.48 -20.34 9.42
N LEU A 136 -6.66 -19.77 9.17
CA LEU A 136 -7.00 -18.46 9.69
C LEU A 136 -7.48 -18.55 11.12
N GLY A 137 -7.77 -19.78 11.55
CA GLY A 137 -8.24 -20.01 12.92
C GLY A 137 -9.30 -19.05 13.39
N ASP A 138 -8.90 -18.14 14.27
CA ASP A 138 -9.81 -17.15 14.84
C ASP A 138 -9.79 -15.86 14.01
N TYR A 139 -10.34 -15.93 12.80
CA TYR A 139 -10.38 -14.77 11.92
C TYR A 139 -11.73 -14.05 11.96
N LEU A 140 -12.79 -14.75 11.54
CA LEU A 140 -14.13 -14.16 11.50
C LEU A 140 -14.58 -13.64 12.86
N GLU A 141 -14.21 -14.36 13.93
CA GLU A 141 -14.59 -13.94 15.27
C GLU A 141 -13.50 -13.07 15.90
N LEU A 142 -12.59 -12.59 15.07
CA LEU A 142 -11.49 -11.75 15.52
C LEU A 142 -11.93 -10.30 15.34
N ASP A 143 -11.40 -9.39 16.14
CA ASP A 143 -11.78 -7.98 16.02
C ASP A 143 -11.23 -7.37 14.74
N PRO A 144 -11.90 -6.33 14.23
CA PRO A 144 -11.55 -5.60 13.01
C PRO A 144 -10.07 -5.27 12.75
N TRP A 145 -9.40 -4.62 13.69
CA TRP A 145 -8.00 -4.26 13.47
C TRP A 145 -7.08 -5.47 13.37
N ARG A 146 -7.37 -6.52 14.12
CA ARG A 146 -6.53 -7.71 14.06
C ARG A 146 -6.83 -8.49 12.78
N GLN A 147 -8.09 -8.45 12.32
CA GLN A 147 -8.44 -9.13 11.09
C GLN A 147 -7.65 -8.47 9.97
N THR A 148 -7.55 -7.14 10.04
CA THR A 148 -6.81 -6.39 9.04
C THR A 148 -5.33 -6.77 9.05
N LEU A 149 -4.76 -6.87 10.25
CA LEU A 149 -3.36 -7.24 10.37
C LEU A 149 -3.11 -8.62 9.76
N VAL A 150 -4.09 -9.51 9.90
CA VAL A 150 -3.96 -10.86 9.33
C VAL A 150 -4.01 -10.75 7.81
N ALA A 151 -4.99 -10.00 7.32
CA ALA A 151 -5.17 -9.83 5.88
C ALA A 151 -3.98 -9.15 5.20
N LEU A 152 -3.27 -8.31 5.95
CA LEU A 152 -2.11 -7.63 5.39
C LEU A 152 -0.98 -8.61 5.10
N GLY A 153 -1.15 -9.86 5.54
CA GLY A 153 -0.14 -10.88 5.28
C GLY A 153 -0.23 -11.30 3.82
N SER A 154 -1.24 -10.77 3.12
CA SER A 154 -1.44 -11.10 1.70
C SER A 154 -0.30 -10.70 0.79
N TRP A 155 0.36 -9.58 1.08
CA TRP A 155 1.47 -9.13 0.24
C TRP A 155 2.55 -10.20 0.15
N GLU A 156 2.98 -10.69 1.30
CA GLU A 156 4.01 -11.72 1.37
C GLU A 156 3.50 -13.05 0.80
N ALA A 157 2.28 -13.40 1.17
CA ALA A 157 1.67 -14.65 0.73
C ALA A 157 1.58 -14.75 -0.79
N ARG A 158 0.99 -13.75 -1.44
CA ARG A 158 0.87 -13.82 -2.89
C ARG A 158 2.25 -13.76 -3.55
N ALA A 159 3.14 -12.92 -3.02
CA ALA A 159 4.47 -12.80 -3.59
C ALA A 159 5.24 -14.12 -3.50
N LEU A 160 5.07 -14.83 -2.39
CA LEU A 160 5.76 -16.10 -2.21
C LEU A 160 5.21 -17.15 -3.17
N LEU A 161 3.88 -17.21 -3.30
CA LEU A 161 3.28 -18.18 -4.20
C LEU A 161 3.76 -17.94 -5.63
N HIS A 162 3.76 -16.68 -6.05
CA HIS A 162 4.22 -16.36 -7.41
C HIS A 162 5.69 -16.71 -7.58
N THR A 163 6.48 -16.43 -6.56
CA THR A 163 7.92 -16.71 -6.61
C THR A 163 8.16 -18.21 -6.72
N LEU A 164 7.48 -18.98 -5.88
CA LEU A 164 7.64 -20.42 -5.88
C LEU A 164 7.25 -21.09 -7.20
N GLU A 165 6.34 -20.47 -7.94
CA GLU A 165 5.92 -21.03 -9.22
C GLU A 165 7.10 -21.13 -10.19
N HIS A 166 8.04 -20.21 -10.07
CA HIS A 166 9.22 -20.19 -10.93
C HIS A 166 10.15 -21.36 -10.69
N GLY A 167 10.03 -21.98 -9.52
CA GLY A 167 10.87 -23.12 -9.22
C GLY A 167 10.06 -24.39 -9.11
N GLU A 168 8.80 -24.32 -9.53
CA GLU A 168 7.89 -25.45 -9.46
C GLU A 168 7.85 -25.99 -8.05
N LEU A 169 7.82 -25.08 -7.08
CA LEU A 169 7.79 -25.44 -5.66
C LEU A 169 6.47 -25.07 -5.01
N GLY A 170 6.17 -25.75 -3.91
CA GLY A 170 4.95 -25.47 -3.17
C GLY A 170 5.33 -24.96 -1.79
N VAL A 171 4.35 -24.45 -1.05
CA VAL A 171 4.61 -23.93 0.29
C VAL A 171 5.25 -24.98 1.20
N ASP A 172 4.89 -26.24 1.01
CA ASP A 172 5.44 -27.31 1.83
C ASP A 172 6.90 -27.61 1.54
N ASP A 173 7.44 -27.02 0.48
CA ASP A 173 8.84 -27.25 0.10
C ASP A 173 9.80 -26.26 0.74
N VAL A 174 9.28 -25.29 1.48
CA VAL A 174 10.13 -24.31 2.14
C VAL A 174 9.83 -24.24 3.63
N GLU A 175 10.72 -23.60 4.38
CA GLU A 175 10.56 -23.47 5.82
C GLU A 175 10.10 -22.04 6.12
N LEU A 176 8.87 -21.89 6.60
CA LEU A 176 8.36 -20.57 6.93
C LEU A 176 8.78 -20.19 8.35
N VAL A 177 9.49 -19.08 8.45
CA VAL A 177 9.98 -18.60 9.74
C VAL A 177 9.32 -17.27 10.10
N PRO A 178 8.63 -17.23 11.25
CA PRO A 178 7.96 -15.99 11.68
C PRO A 178 8.95 -14.86 11.97
N ILE A 179 8.71 -13.71 11.37
CA ILE A 179 9.53 -12.52 11.59
C ILE A 179 8.58 -11.33 11.59
N SER A 180 9.12 -10.16 11.88
CA SER A 180 8.32 -8.94 11.88
C SER A 180 8.41 -8.31 10.50
N SER A 181 7.26 -8.11 9.86
CA SER A 181 7.23 -7.50 8.52
C SER A 181 6.61 -6.11 8.62
N PRO A 182 7.26 -5.11 8.02
CA PRO A 182 6.76 -3.73 8.05
C PRO A 182 5.36 -3.56 7.47
N GLY A 183 4.50 -2.90 8.24
CA GLY A 183 3.14 -2.68 7.79
C GLY A 183 2.19 -3.80 8.21
N VAL A 184 2.77 -4.92 8.65
CA VAL A 184 1.97 -6.06 9.07
C VAL A 184 2.06 -6.24 10.59
N ASP A 185 3.26 -6.54 11.08
CA ASP A 185 3.48 -6.72 12.51
C ASP A 185 3.65 -5.35 13.14
N VAL A 186 4.27 -4.45 12.40
CA VAL A 186 4.47 -3.08 12.84
C VAL A 186 3.47 -2.31 11.99
N PRO A 187 2.26 -2.06 12.53
CA PRO A 187 1.19 -1.34 11.82
C PRO A 187 1.63 -0.01 11.21
N ALA A 188 0.95 0.38 10.14
CA ALA A 188 1.24 1.62 9.44
C ALA A 188 1.15 2.80 10.40
N GLU A 189 0.31 2.67 11.42
CA GLU A 189 0.13 3.72 12.42
C GLU A 189 1.43 4.04 13.16
N GLN A 190 2.43 3.17 13.00
CA GLN A 190 3.72 3.37 13.65
C GLN A 190 4.83 3.58 12.63
N LEU A 191 4.47 3.61 11.36
CA LEU A 191 5.44 3.80 10.29
C LEU A 191 5.13 5.03 9.44
N GLU A 192 4.02 5.68 9.74
CA GLU A 192 3.60 6.86 8.98
C GLU A 192 3.63 8.13 9.82
N GLU A 193 3.81 9.26 9.15
CA GLU A 193 3.86 10.56 9.81
C GLU A 193 2.73 10.73 10.82
N SER A 194 3.05 11.31 11.96
CA SER A 194 2.07 11.56 13.02
C SER A 194 2.10 13.04 13.36
N ALA A 195 1.37 13.42 14.41
CA ALA A 195 1.32 14.82 14.82
C ALA A 195 2.67 15.33 15.32
N THR A 196 3.53 14.42 15.77
CA THR A 196 4.84 14.82 16.28
C THR A 196 6.02 14.09 15.65
N VAL A 197 5.73 13.09 14.82
CA VAL A 197 6.79 12.33 14.18
C VAL A 197 6.68 12.36 12.66
N LYS A 198 7.77 12.70 12.00
CA LYS A 198 7.79 12.76 10.54
C LYS A 198 7.99 11.35 9.98
N GLY A 199 7.45 11.12 8.79
CA GLY A 199 7.59 9.81 8.16
C GLY A 199 9.04 9.46 7.88
N ALA A 200 9.85 10.47 7.61
CA ALA A 200 11.27 10.28 7.32
C ALA A 200 12.03 9.73 8.52
N ASP A 201 11.41 9.79 9.70
CA ASP A 201 12.05 9.28 10.91
C ASP A 201 11.52 7.93 11.34
N LEU A 202 10.73 7.29 10.49
CA LEU A 202 10.16 5.99 10.80
C LEU A 202 10.27 4.98 9.66
N PHE A 203 10.07 5.47 8.44
CA PHE A 203 10.13 4.64 7.24
C PHE A 203 11.51 4.06 6.92
N PRO A 204 12.55 4.92 6.90
CA PRO A 204 13.92 4.49 6.60
C PRO A 204 14.44 3.33 7.45
N ASP A 205 14.12 3.36 8.74
CA ASP A 205 14.56 2.31 9.66
C ASP A 205 14.20 0.91 9.18
N VAL A 206 13.07 0.79 8.47
CA VAL A 206 12.62 -0.51 7.97
C VAL A 206 13.64 -1.21 7.08
N ALA A 207 14.15 -0.51 6.07
CA ALA A 207 15.14 -1.09 5.17
C ALA A 207 16.41 -1.48 5.92
N ARG A 208 16.79 -0.65 6.89
CA ARG A 208 17.97 -0.92 7.69
C ARG A 208 17.73 -2.20 8.49
N GLY A 209 16.50 -2.35 8.97
CA GLY A 209 16.15 -3.54 9.74
C GLY A 209 16.15 -4.79 8.89
N GLN A 210 15.62 -4.69 7.68
CA GLN A 210 15.58 -5.85 6.79
C GLN A 210 16.99 -6.28 6.41
N ALA A 211 17.85 -5.29 6.20
CA ALA A 211 19.24 -5.57 5.85
C ALA A 211 19.94 -6.27 7.01
N ALA A 212 19.61 -5.83 8.23
CA ALA A 212 20.20 -6.42 9.44
C ALA A 212 19.76 -7.87 9.59
N VAL A 213 18.50 -8.14 9.28
CA VAL A 213 17.97 -9.50 9.39
C VAL A 213 18.66 -10.40 8.38
N LEU A 214 18.77 -9.94 7.13
CA LEU A 214 19.44 -10.76 6.12
C LEU A 214 20.92 -10.94 6.45
N ALA A 215 21.56 -9.87 6.92
CA ALA A 215 22.97 -9.93 7.27
C ALA A 215 23.26 -10.93 8.39
N SER A 216 22.31 -11.10 9.30
CA SER A 216 22.47 -12.03 10.43
C SER A 216 22.46 -13.47 9.96
N GLY A 217 21.91 -13.71 8.78
CA GLY A 217 21.82 -15.05 8.25
C GLY A 217 20.85 -15.92 9.01
N ASP A 218 20.02 -15.33 9.87
CA ASP A 218 19.08 -16.12 10.64
C ASP A 218 17.95 -16.68 9.77
N VAL A 219 17.70 -16.03 8.65
CA VAL A 219 16.72 -16.50 7.67
C VAL A 219 17.42 -16.28 6.34
N ASP A 220 16.96 -16.96 5.30
CA ASP A 220 17.58 -16.83 3.99
C ASP A 220 16.95 -15.76 3.14
N ALA A 221 15.64 -15.57 3.28
CA ALA A 221 14.94 -14.58 2.48
C ALA A 221 13.82 -13.90 3.25
N LEU A 222 13.42 -12.72 2.77
CA LEU A 222 12.33 -11.97 3.37
C LEU A 222 11.73 -11.09 2.28
N TYR A 223 10.46 -10.74 2.45
CA TYR A 223 9.75 -9.91 1.49
C TYR A 223 10.00 -8.43 1.66
N SER A 224 10.33 -7.76 0.56
CA SER A 224 10.52 -6.31 0.60
C SER A 224 9.94 -5.72 -0.68
N TRP A 225 9.45 -4.49 -0.57
CA TRP A 225 8.86 -3.79 -1.70
C TRP A 225 8.80 -2.31 -1.35
N LEU A 226 8.15 -1.52 -2.22
CA LEU A 226 8.06 -0.07 -2.02
C LEU A 226 9.50 0.46 -2.01
N PRO A 227 9.70 1.75 -1.65
CA PRO A 227 11.08 2.23 -1.66
C PRO A 227 11.99 1.49 -0.69
N TRP A 228 11.42 0.75 0.25
CA TRP A 228 12.23 -0.03 1.20
C TRP A 228 13.11 -0.97 0.38
N ALA A 229 12.51 -1.60 -0.61
CA ALA A 229 13.23 -2.55 -1.47
C ALA A 229 14.37 -1.86 -2.21
N GLY A 230 14.15 -0.60 -2.58
CA GLY A 230 15.18 0.15 -3.28
C GLY A 230 16.39 0.31 -2.38
N GLU A 231 16.16 0.69 -1.13
CA GLU A 231 17.23 0.87 -0.16
C GLU A 231 17.87 -0.47 0.18
N LEU A 232 17.04 -1.50 0.32
CA LEU A 232 17.55 -2.82 0.66
C LEU A 232 18.50 -3.37 -0.40
N GLN A 233 18.13 -3.21 -1.67
CA GLN A 233 18.98 -3.70 -2.75
C GLN A 233 20.30 -2.93 -2.80
N ALA A 234 20.29 -1.70 -2.30
CA ALA A 234 21.49 -0.87 -2.29
C ALA A 234 22.51 -1.42 -1.30
N THR A 235 22.05 -2.23 -0.36
CA THR A 235 22.97 -2.81 0.63
C THR A 235 23.55 -4.09 0.04
N GLY A 236 23.16 -4.40 -1.19
CA GLY A 236 23.66 -5.59 -1.86
C GLY A 236 22.66 -6.71 -2.04
N ALA A 237 21.62 -6.71 -1.21
CA ALA A 237 20.59 -7.75 -1.28
C ALA A 237 19.94 -7.77 -2.66
N ARG A 238 19.45 -8.93 -3.05
CA ARG A 238 18.82 -9.08 -4.36
C ARG A 238 17.59 -9.98 -4.30
N PRO A 239 16.59 -9.68 -5.14
CA PRO A 239 15.35 -10.47 -5.18
C PRO A 239 15.58 -11.76 -5.95
N VAL A 240 15.08 -12.88 -5.43
CA VAL A 240 15.23 -14.16 -6.11
C VAL A 240 14.51 -14.06 -7.46
N VAL A 241 13.32 -13.47 -7.42
CA VAL A 241 12.52 -13.23 -8.62
C VAL A 241 12.00 -11.81 -8.46
N ASP A 242 12.31 -10.93 -9.41
CA ASP A 242 11.83 -9.56 -9.30
C ASP A 242 10.38 -9.52 -9.78
N LEU A 243 9.45 -9.43 -8.84
CA LEU A 243 8.03 -9.41 -9.15
C LEU A 243 7.59 -8.10 -9.77
N GLY A 244 8.43 -7.08 -9.68
CA GLY A 244 8.08 -5.78 -10.23
C GLY A 244 7.99 -5.76 -11.74
N LEU A 245 8.40 -6.84 -12.39
CA LEU A 245 8.35 -6.92 -13.85
C LEU A 245 7.08 -7.55 -14.40
N ASP A 246 6.20 -8.01 -13.51
CA ASP A 246 4.95 -8.64 -13.94
C ASP A 246 3.78 -7.97 -13.23
N GLU A 247 2.83 -7.43 -14.00
CA GLU A 247 1.70 -6.75 -13.40
C GLU A 247 0.77 -7.60 -12.54
N ARG A 248 0.96 -8.90 -12.51
CA ARG A 248 0.10 -9.72 -11.67
C ARG A 248 0.47 -9.50 -10.21
N ASN A 249 1.51 -8.69 -9.99
CA ASN A 249 1.97 -8.36 -8.64
C ASN A 249 1.62 -6.93 -8.26
N ALA A 250 0.87 -6.26 -9.13
CA ALA A 250 0.49 -4.89 -8.86
C ALA A 250 -0.69 -4.83 -7.89
N TYR A 251 -0.85 -3.68 -7.25
CA TYR A 251 -1.96 -3.46 -6.33
C TYR A 251 -2.66 -2.18 -6.73
N ALA A 252 -3.89 -2.00 -6.28
CA ALA A 252 -4.65 -0.80 -6.59
C ALA A 252 -4.76 0.10 -5.38
N SER A 253 -3.95 1.15 -5.33
CA SER A 253 -4.03 2.08 -4.21
C SER A 253 -5.40 2.75 -4.36
N VAL A 254 -6.12 2.89 -3.25
CA VAL A 254 -7.44 3.49 -3.29
C VAL A 254 -7.53 4.78 -2.50
N TRP A 255 -8.22 5.76 -3.07
CA TRP A 255 -8.42 7.04 -2.43
C TRP A 255 -9.83 7.03 -1.85
N THR A 256 -9.92 7.06 -0.52
CA THR A 256 -11.21 7.05 0.14
C THR A 256 -11.46 8.33 0.92
N VAL A 257 -12.73 8.61 1.17
CA VAL A 257 -13.13 9.77 1.94
C VAL A 257 -14.38 9.37 2.71
N SER A 258 -14.59 9.96 3.87
CA SER A 258 -15.76 9.64 4.68
C SER A 258 -17.03 9.89 3.87
N SER A 259 -17.95 8.93 3.91
CA SER A 259 -19.19 9.03 3.15
C SER A 259 -20.00 10.28 3.53
N GLY A 260 -19.98 10.63 4.81
CA GLY A 260 -20.70 11.80 5.26
C GLY A 260 -20.27 13.07 4.55
N LEU A 261 -18.99 13.17 4.23
CA LEU A 261 -18.47 14.34 3.53
C LEU A 261 -19.02 14.45 2.11
N VAL A 262 -19.13 13.33 1.44
CA VAL A 262 -19.67 13.31 0.09
C VAL A 262 -21.14 13.73 0.10
N ARG A 263 -21.88 13.25 1.11
CA ARG A 263 -23.29 13.57 1.22
C ARG A 263 -23.58 15.01 1.62
N GLN A 264 -22.86 15.50 2.63
CA GLN A 264 -23.08 16.84 3.14
C GLN A 264 -22.25 17.96 2.53
N ARG A 265 -21.03 17.62 2.09
CA ARG A 265 -20.17 18.66 1.52
C ARG A 265 -19.56 18.27 0.17
N PRO A 266 -20.42 18.01 -0.82
CA PRO A 266 -19.93 17.64 -2.15
C PRO A 266 -19.03 18.71 -2.79
N GLY A 267 -19.26 19.97 -2.44
CA GLY A 267 -18.46 21.06 -2.97
C GLY A 267 -17.02 20.94 -2.49
N LEU A 268 -16.86 20.56 -1.23
CA LEU A 268 -15.53 20.40 -0.65
C LEU A 268 -14.85 19.19 -1.31
N VAL A 269 -15.58 18.10 -1.45
CA VAL A 269 -15.03 16.90 -2.07
C VAL A 269 -14.62 17.18 -3.52
N GLN A 270 -15.40 18.01 -4.21
CA GLN A 270 -15.07 18.34 -5.60
C GLN A 270 -13.77 19.13 -5.66
N ARG A 271 -13.61 20.08 -4.73
CA ARG A 271 -12.39 20.87 -4.68
C ARG A 271 -11.20 19.98 -4.38
N LEU A 272 -11.41 18.99 -3.51
CA LEU A 272 -10.37 18.04 -3.13
C LEU A 272 -9.92 17.24 -4.34
N VAL A 273 -10.88 16.69 -5.08
CA VAL A 273 -10.55 15.90 -6.26
C VAL A 273 -9.95 16.77 -7.37
N ASP A 274 -10.43 18.00 -7.52
CA ASP A 274 -9.87 18.89 -8.54
C ASP A 274 -8.40 19.14 -8.26
N ALA A 275 -8.07 19.34 -6.98
CA ALA A 275 -6.68 19.59 -6.58
C ALA A 275 -5.78 18.41 -6.91
N ALA A 276 -6.26 17.21 -6.63
CA ALA A 276 -5.49 15.99 -6.91
C ALA A 276 -5.32 15.79 -8.41
N VAL A 277 -6.40 16.01 -9.16
CA VAL A 277 -6.34 15.85 -10.60
C VAL A 277 -5.36 16.86 -11.19
N ASP A 278 -5.42 18.11 -10.71
CA ASP A 278 -4.51 19.13 -11.22
C ASP A 278 -3.07 18.81 -10.82
N ALA A 279 -2.88 18.25 -9.64
CA ALA A 279 -1.53 17.89 -9.19
C ALA A 279 -1.01 16.73 -10.04
N GLY A 280 -1.90 15.83 -10.42
CA GLY A 280 -1.52 14.69 -11.24
C GLY A 280 -1.09 15.12 -12.63
N LEU A 281 -1.77 16.13 -13.18
CA LEU A 281 -1.44 16.65 -14.50
C LEU A 281 -0.09 17.38 -14.42
N TRP A 282 0.08 18.15 -13.35
CA TRP A 282 1.30 18.91 -13.09
C TRP A 282 2.49 17.95 -12.94
N ALA A 283 2.25 16.83 -12.28
CA ALA A 283 3.29 15.83 -12.05
C ALA A 283 3.96 15.37 -13.35
N ARG A 284 3.20 15.32 -14.44
CA ARG A 284 3.73 14.88 -15.72
C ARG A 284 4.86 15.78 -16.21
N ASP A 285 4.79 17.07 -15.89
CA ASP A 285 5.80 18.02 -16.31
C ASP A 285 6.85 18.31 -15.25
N HIS A 286 6.73 17.67 -14.10
CA HIS A 286 7.67 17.89 -12.99
C HIS A 286 8.05 16.57 -12.33
N SER A 287 8.47 15.62 -13.16
CA SER A 287 8.86 14.28 -12.70
C SER A 287 9.84 14.28 -11.53
N ASP A 288 10.95 15.00 -11.65
CA ASP A 288 11.93 15.01 -10.57
C ASP A 288 11.37 15.57 -9.27
N ALA A 289 10.55 16.62 -9.36
CA ALA A 289 9.97 17.22 -8.17
C ALA A 289 9.07 16.20 -7.47
N VAL A 290 8.33 15.44 -8.26
CA VAL A 290 7.44 14.42 -7.72
C VAL A 290 8.24 13.33 -7.03
N THR A 291 9.37 12.93 -7.61
CA THR A 291 10.21 11.91 -7.00
C THR A 291 10.67 12.41 -5.64
N SER A 292 11.13 13.66 -5.60
CA SER A 292 11.62 14.26 -4.36
C SER A 292 10.60 14.39 -3.24
N LEU A 293 9.39 14.83 -3.55
CA LEU A 293 8.41 14.97 -2.49
C LEU A 293 8.04 13.61 -1.90
N HIS A 294 8.03 12.57 -2.72
CA HIS A 294 7.73 11.23 -2.19
C HIS A 294 8.93 10.76 -1.37
N ALA A 295 10.13 11.01 -1.88
CA ALA A 295 11.36 10.62 -1.18
C ALA A 295 11.49 11.31 0.17
N ALA A 296 11.27 12.62 0.20
CA ALA A 296 11.37 13.40 1.43
C ALA A 296 10.41 12.93 2.51
N ASN A 297 9.22 12.50 2.11
CA ASN A 297 8.24 12.04 3.08
C ASN A 297 8.52 10.63 3.57
N LEU A 298 9.32 9.89 2.83
CA LEU A 298 9.67 8.52 3.20
C LEU A 298 11.04 8.44 3.86
N GLY A 299 11.84 9.48 3.69
CA GLY A 299 13.18 9.49 4.26
C GLY A 299 14.12 8.57 3.52
N VAL A 300 13.86 8.37 2.23
CA VAL A 300 14.70 7.51 1.40
C VAL A 300 15.27 8.31 0.22
N SER A 301 16.16 7.69 -0.54
CA SER A 301 16.79 8.35 -1.69
C SER A 301 15.83 8.44 -2.87
N THR A 302 16.13 9.34 -3.81
CA THR A 302 15.30 9.49 -4.98
C THR A 302 15.39 8.21 -5.82
N GLY A 303 16.56 7.59 -5.79
CA GLY A 303 16.76 6.36 -6.54
C GLY A 303 15.89 5.24 -5.97
N ALA A 304 15.75 5.21 -4.65
CA ALA A 304 14.93 4.20 -3.99
C ALA A 304 13.47 4.39 -4.37
N VAL A 305 13.04 5.64 -4.48
CA VAL A 305 11.66 5.93 -4.86
C VAL A 305 11.40 5.43 -6.28
N GLY A 306 12.31 5.73 -7.19
CA GLY A 306 12.15 5.29 -8.57
C GLY A 306 12.08 3.78 -8.67
N GLN A 307 12.92 3.11 -7.89
CA GLN A 307 12.95 1.65 -7.89
C GLN A 307 11.67 1.08 -7.27
N GLY A 308 11.27 1.61 -6.13
CA GLY A 308 10.09 1.12 -5.46
C GLY A 308 8.76 1.43 -6.13
N PHE A 309 8.67 2.57 -6.82
CA PHE A 309 7.40 2.95 -7.47
C PHE A 309 7.34 2.76 -8.98
N GLY A 310 8.46 2.42 -9.60
CA GLY A 310 8.45 2.17 -11.03
C GLY A 310 8.86 3.30 -11.95
N ALA A 311 9.26 2.92 -13.15
CA ALA A 311 9.70 3.87 -14.17
C ALA A 311 8.54 4.75 -14.64
N ASP A 312 8.77 6.05 -14.58
CA ASP A 312 7.79 7.05 -14.99
C ASP A 312 6.47 6.99 -14.24
N PHE A 313 6.50 6.61 -12.96
CA PHE A 313 5.26 6.56 -12.20
C PHE A 313 4.69 7.97 -12.10
N GLN A 314 5.56 8.96 -12.26
CA GLN A 314 5.16 10.38 -12.17
C GLN A 314 4.20 10.78 -13.29
N GLN A 315 4.13 9.97 -14.34
CA GLN A 315 3.26 10.24 -15.47
C GLN A 315 1.87 9.63 -15.27
N ARG A 316 1.73 8.80 -14.24
CA ARG A 316 0.48 8.10 -14.01
C ARG A 316 -0.20 8.37 -12.67
N LEU A 317 -0.19 9.63 -12.23
CA LEU A 317 -0.79 9.96 -10.95
C LEU A 317 -2.20 10.55 -11.01
N VAL A 318 -2.72 10.85 -12.20
CA VAL A 318 -4.10 11.36 -12.24
C VAL A 318 -4.94 10.16 -11.79
N PRO A 319 -5.75 10.33 -10.74
CA PRO A 319 -6.59 9.23 -10.24
C PRO A 319 -7.46 8.64 -11.34
N ARG A 320 -7.75 7.35 -11.21
CA ARG A 320 -8.54 6.61 -12.19
C ARG A 320 -9.71 5.82 -11.63
N LEU A 321 -10.75 5.70 -12.45
CA LEU A 321 -11.93 4.90 -12.11
C LEU A 321 -12.37 4.14 -13.36
N ASP A 322 -11.46 4.01 -14.32
CA ASP A 322 -11.76 3.30 -15.55
C ASP A 322 -11.84 1.81 -15.26
N HIS A 323 -12.38 1.05 -16.20
CA HIS A 323 -12.55 -0.38 -15.99
C HIS A 323 -11.29 -1.19 -15.71
N ASP A 324 -10.14 -0.78 -16.27
CA ASP A 324 -8.91 -1.51 -16.00
C ASP A 324 -8.46 -1.29 -14.56
N ALA A 325 -8.71 -0.09 -14.04
CA ALA A 325 -8.34 0.23 -12.66
C ALA A 325 -9.25 -0.56 -11.72
N LEU A 326 -10.53 -0.61 -12.03
CA LEU A 326 -11.47 -1.35 -11.20
C LEU A 326 -11.17 -2.85 -11.23
N ALA A 327 -10.72 -3.34 -12.38
CA ALA A 327 -10.41 -4.76 -12.52
C ALA A 327 -9.21 -5.12 -11.64
N LEU A 328 -8.27 -4.19 -11.51
CA LEU A 328 -7.09 -4.41 -10.68
C LEU A 328 -7.54 -4.52 -9.23
N LEU A 329 -8.40 -3.60 -8.81
CA LEU A 329 -8.92 -3.61 -7.44
C LEU A 329 -9.72 -4.88 -7.23
N GLU A 330 -10.47 -5.30 -8.24
CA GLU A 330 -11.26 -6.52 -8.15
C GLU A 330 -10.33 -7.72 -7.95
N ARG A 331 -9.21 -7.73 -8.65
CA ARG A 331 -8.27 -8.85 -8.52
C ARG A 331 -7.75 -8.96 -7.09
N THR A 332 -7.48 -7.83 -6.45
CA THR A 332 -6.99 -7.89 -5.08
C THR A 332 -8.06 -8.48 -4.17
N GLN A 333 -9.30 -8.01 -4.27
CA GLN A 333 -10.32 -8.56 -3.39
C GLN A 333 -10.63 -10.02 -3.70
N GLN A 334 -10.39 -10.44 -4.94
CA GLN A 334 -10.63 -11.83 -5.30
C GLN A 334 -9.60 -12.70 -4.59
N PHE A 335 -8.39 -12.18 -4.40
CA PHE A 335 -7.36 -12.92 -3.69
C PHE A 335 -7.80 -13.02 -2.23
N LEU A 336 -8.39 -11.95 -1.70
CA LEU A 336 -8.85 -11.97 -0.32
C LEU A 336 -9.98 -12.98 -0.18
N LEU A 337 -10.87 -13.00 -1.18
CA LEU A 337 -12.01 -13.92 -1.17
C LEU A 337 -11.54 -15.37 -1.28
N THR A 338 -10.65 -15.63 -2.23
CA THR A 338 -10.13 -16.98 -2.44
C THR A 338 -9.47 -17.51 -1.17
N ASN A 339 -8.88 -16.61 -0.39
CA ASN A 339 -8.21 -17.00 0.84
C ASN A 339 -9.04 -16.76 2.10
N ASN A 340 -10.34 -16.63 1.92
CA ASN A 340 -11.29 -16.44 3.01
C ASN A 340 -11.03 -15.24 3.94
N LEU A 341 -10.40 -14.20 3.41
CA LEU A 341 -10.14 -13.00 4.20
C LEU A 341 -11.35 -12.09 4.09
N LEU A 342 -12.19 -12.37 3.10
CA LEU A 342 -13.45 -11.67 2.87
C LEU A 342 -14.46 -12.77 2.62
N GLN A 343 -15.72 -12.54 2.98
CA GLN A 343 -16.78 -13.53 2.77
C GLN A 343 -17.45 -13.28 1.43
N GLU A 344 -17.81 -12.02 1.19
CA GLU A 344 -18.46 -11.62 -0.05
C GLU A 344 -17.74 -10.39 -0.57
N PRO A 345 -17.72 -10.21 -1.91
CA PRO A 345 -17.05 -9.04 -2.48
C PRO A 345 -17.73 -7.70 -2.26
N VAL A 346 -16.90 -6.66 -2.16
CA VAL A 346 -17.40 -5.31 -2.00
C VAL A 346 -17.94 -4.92 -3.37
N ALA A 347 -19.07 -4.22 -3.40
CA ALA A 347 -19.65 -3.78 -4.66
C ALA A 347 -18.85 -2.52 -5.02
N LEU A 348 -17.76 -2.70 -5.74
CA LEU A 348 -16.87 -1.60 -6.10
C LEU A 348 -17.53 -0.40 -6.77
N ASP A 349 -18.44 -0.64 -7.70
CA ASP A 349 -19.11 0.45 -8.41
C ASP A 349 -19.92 1.37 -7.50
N GLN A 350 -20.60 0.79 -6.51
CA GLN A 350 -21.40 1.57 -5.58
C GLN A 350 -20.52 2.24 -4.53
N TRP A 351 -19.39 1.62 -4.23
CA TRP A 351 -18.44 2.18 -3.27
C TRP A 351 -17.90 3.47 -3.90
N ALA A 352 -17.59 3.40 -5.18
CA ALA A 352 -17.07 4.55 -5.91
C ALA A 352 -18.09 5.68 -5.99
N ALA A 353 -17.58 6.92 -6.00
CA ALA A 353 -18.40 8.13 -6.16
C ALA A 353 -17.75 8.74 -7.40
N PRO A 354 -18.00 8.14 -8.58
CA PRO A 354 -17.46 8.56 -9.87
C PRO A 354 -17.73 9.98 -10.36
N GLU A 355 -18.78 10.61 -9.86
CA GLU A 355 -19.13 11.96 -10.30
C GLU A 355 -18.01 12.99 -10.08
N PHE A 356 -17.31 12.87 -8.96
CA PHE A 356 -16.24 13.82 -8.65
C PHE A 356 -15.08 13.79 -9.63
N LEU A 357 -14.52 12.61 -9.84
CA LEU A 357 -13.39 12.49 -10.77
C LEU A 357 -13.84 12.89 -12.18
N ASN A 358 -15.05 12.49 -12.55
CA ASN A 358 -15.55 12.80 -13.89
C ASN A 358 -15.70 14.31 -14.07
N ASN A 359 -16.34 14.97 -13.09
CA ASN A 359 -16.52 16.41 -13.17
C ASN A 359 -15.17 17.10 -13.23
N SER A 360 -14.23 16.58 -12.45
CA SER A 360 -12.89 17.16 -12.41
C SER A 360 -12.18 17.06 -13.75
N LEU A 361 -12.25 15.88 -14.37
CA LEU A 361 -11.61 15.67 -15.66
C LEU A 361 -12.29 16.47 -16.76
N ASN A 362 -13.60 16.70 -16.62
CA ASN A 362 -14.35 17.46 -17.61
C ASN A 362 -13.89 18.91 -17.73
N ARG A 363 -13.19 19.40 -16.71
CA ARG A 363 -12.69 20.78 -16.73
C ARG A 363 -11.60 20.90 -17.79
N HIS A 364 -10.89 19.78 -18.02
CA HIS A 364 -9.80 19.76 -18.97
C HIS A 364 -10.15 19.10 -20.30
N ARG A 365 -11.42 18.78 -20.51
CA ARG A 365 -11.85 18.12 -21.74
C ARG A 365 -12.51 19.09 -22.73
#